data_7JUS
#
_entry.id   7JUS
#
_cell.length_a   140.000
_cell.length_b   140.000
_cell.length_c   220.000
_cell.angle_alpha   90.00
_cell.angle_beta   90.00
_cell.angle_gamma   120.00
#
_symmetry.space_group_name_H-M   'P 61 2 2'
#
loop_
_entity.id
_entity.type
_entity.pdbx_description
1 polymer 'Kinase suppressor of Ras 2'
2 polymer 'Dual specificity mitogen-activated protein kinase kinase 1'
3 non-polymer 'PHOSPHOAMINOPHOSPHONIC ACID-ADENYLATE ESTER'
4 non-polymer 'MAGNESIUM ION'
5 non-polymer Cobimetinib
6 water water
#
loop_
_entity_poly.entity_id
_entity_poly.type
_entity_poly.pdbx_seq_one_letter_code
_entity_poly.pdbx_strand_id
1 'polypeptide(L)'
;MSYYHHHHHHDYDIPTTENLYFQGAEMNLSLLSARSFPRKASQTSIFLQEWDIPFEQLEIGELIGKGRFGQVYHGRWHGE
VAIRLIDIERDNEDQLKAFKREVMAYRQTRHENVVLFMGACMSPPHLAIITSLCKGRTLYSVVRDAKIVLDVNKTRQIAQ
EIVKGMGYLHAKGILHKDLKSKNVFYDNGKVVITDFGLFSISGVLQAGRREDKLRIQNGWLCHLAPEIIRQLSPDTEEDK
LPFSKHSDVFALGTIWYELHAREWPFKTQPAEAIIWQMGTGMKPNLSQIGMGKEISDILLFCWAFEQEERPTFTKLMDML
EKLPKRNRRLSHPGHFWKSAEL
;
B
2 'polypeptide(L)'
;MSYYHHHHHHDYDIPTTENLYFQGAKKLEELELDEQQRKRLEAFLTQKQKVGELKDDDFEKISELGAGNGGVVFKVSHKP
SGLVMARKLIHLEIKPAIRNQIIRELQVLHECNSPYIVGFYGAFYSDGEISICMEHMDGGSLDQVLKKAGRIPEQILGKV
SIAVIKGLTYLREKHKIMHRDVKPSNILVNSRGEIKLCDFGVSGQLIDSMANSFVGTRSYMSPERLQGTHYSVQSDIWSM
GLSLVEMAVGRYPIPPPDAKELELMFGCQVEGDAAETPPRPRTPGRPLSSYGMDSRPPMAIFELLDYIVNEPPPKLPSAV
FSLEFQDFVNKCLIKNPAERADLKQLMVHAFIKRSDAEEVDFAGWLCSTIGLNQPSTPTHAAGV
;
C
#
loop_
_chem_comp.id
_chem_comp.type
_chem_comp.name
_chem_comp.formula
ANP non-polymer 'PHOSPHOAMINOPHOSPHONIC ACID-ADENYLATE ESTER' 'C10 H17 N6 O12 P3'
MG non-polymer 'MAGNESIUM ION' 'Mg 2'
VKD non-polymer Cobimetinib 'C21 H21 F3 I N3 O2'
#
# COMPACT_ATOMS: atom_id res chain seq x y z
N THR A 44 -3.69 -28.84 -25.16
CA THR A 44 -2.58 -28.50 -24.29
C THR A 44 -1.64 -27.49 -24.97
N SER A 45 -1.93 -27.15 -26.23
CA SER A 45 -1.02 -26.29 -27.00
C SER A 45 -1.79 -25.31 -27.88
N ILE A 46 -1.26 -24.09 -27.99
CA ILE A 46 -1.77 -23.04 -28.92
C ILE A 46 -0.57 -22.54 -29.76
N PHE A 47 -0.58 -22.82 -31.07
CA PHE A 47 0.42 -22.48 -32.06
C PHE A 47 -0.07 -21.27 -32.85
N LEU A 48 0.86 -20.54 -33.48
CA LEU A 48 0.51 -19.31 -34.19
C LEU A 48 -0.12 -19.54 -35.57
N GLN A 49 -0.06 -20.74 -36.12
CA GLN A 49 -0.78 -21.01 -37.34
C GLN A 49 -2.29 -21.21 -37.15
N GLU A 50 -2.78 -21.30 -35.90
CA GLU A 50 -4.22 -21.37 -35.64
C GLU A 50 -4.96 -20.07 -35.88
N TRP A 51 -4.28 -18.99 -36.24
CA TRP A 51 -4.88 -17.68 -36.37
C TRP A 51 -5.01 -17.23 -37.82
N ASP A 52 -5.97 -16.33 -38.02
CA ASP A 52 -6.36 -15.81 -39.32
C ASP A 52 -5.42 -14.73 -39.81
N ILE A 53 -4.49 -14.29 -38.98
CA ILE A 53 -3.45 -13.37 -39.43
C ILE A 53 -2.33 -14.25 -39.97
N PRO A 54 -2.06 -14.20 -41.27
CA PRO A 54 -0.98 -15.01 -41.84
C PRO A 54 0.32 -14.52 -41.24
N PHE A 55 1.10 -15.44 -40.71
CA PHE A 55 2.25 -15.05 -39.93
C PHE A 55 3.41 -15.88 -40.45
N GLU A 56 4.47 -15.23 -40.90
CA GLU A 56 5.66 -15.98 -41.30
C GLU A 56 6.77 -15.86 -40.28
N GLN A 57 7.06 -14.65 -39.84
CA GLN A 57 8.16 -14.39 -38.92
C GLN A 57 7.69 -13.37 -37.91
N LEU A 58 8.30 -13.43 -36.72
CA LEU A 58 7.98 -12.51 -35.63
C LEU A 58 9.29 -12.05 -35.02
N GLU A 59 9.59 -10.76 -35.13
CA GLU A 59 10.78 -10.17 -34.51
C GLU A 59 10.36 -9.46 -33.23
N ILE A 60 11.26 -9.54 -32.24
CA ILE A 60 11.07 -8.97 -30.95
C ILE A 60 12.11 -7.88 -30.81
N GLY A 61 11.69 -6.66 -30.44
CA GLY A 61 12.63 -5.54 -30.37
C GLY A 61 12.91 -5.12 -28.94
N GLU A 62 12.93 -3.81 -28.69
CA GLU A 62 13.20 -3.40 -27.32
C GLU A 62 11.96 -3.50 -26.45
N LEU A 63 12.21 -3.60 -25.15
CA LEU A 63 11.14 -3.51 -24.15
C LEU A 63 10.54 -2.11 -24.15
N ILE A 64 9.22 -2.04 -24.14
CA ILE A 64 8.53 -0.77 -24.19
C ILE A 64 8.47 -0.16 -22.81
N GLY A 65 8.23 -1.01 -21.82
CA GLY A 65 8.16 -0.58 -20.44
C GLY A 65 8.05 -1.76 -19.50
N LYS A 66 8.20 -1.41 -18.22
CA LYS A 66 8.02 -2.31 -17.12
C LYS A 66 6.55 -2.44 -16.78
N GLY A 67 6.20 -3.59 -16.22
CA GLY A 67 4.84 -3.84 -15.80
C GLY A 67 4.76 -5.12 -15.00
N ARG A 68 3.62 -5.31 -14.37
CA ARG A 68 3.55 -6.36 -13.37
C ARG A 68 3.21 -7.70 -13.98
N PHE A 69 2.69 -7.74 -15.22
CA PHE A 69 2.23 -9.00 -15.80
C PHE A 69 3.05 -9.29 -17.07
N GLY A 70 4.04 -10.18 -16.96
CA GLY A 70 4.92 -10.45 -18.09
C GLY A 70 5.80 -9.27 -18.48
N GLN A 71 6.45 -9.39 -19.65
CA GLN A 71 7.14 -8.24 -20.24
C GLN A 71 6.54 -7.97 -21.63
N VAL A 72 6.47 -6.69 -22.02
CA VAL A 72 5.89 -6.28 -23.31
C VAL A 72 6.98 -5.60 -24.14
N TYR A 73 7.33 -6.19 -25.29
CA TYR A 73 8.34 -5.67 -26.20
C TYR A 73 7.72 -5.14 -27.49
N HIS A 74 8.43 -4.21 -28.14
CA HIS A 74 8.18 -3.92 -29.57
C HIS A 74 8.43 -5.15 -30.42
N GLY A 75 7.71 -5.22 -31.53
CA GLY A 75 7.86 -6.34 -32.43
C GLY A 75 7.53 -5.92 -33.84
N ARG A 76 7.88 -6.80 -34.78
CA ARG A 76 7.65 -6.61 -36.21
C ARG A 76 7.08 -7.90 -36.80
N TRP A 77 6.11 -7.75 -37.69
CA TRP A 77 5.33 -8.87 -38.24
C TRP A 77 5.30 -8.81 -39.78
N GLY A 79 4.34 -5.12 -40.79
CA GLY A 79 4.03 -4.11 -39.77
C GLY A 79 4.42 -4.29 -38.28
N GLU A 80 4.27 -3.25 -37.45
CA GLU A 80 4.72 -3.32 -36.06
C GLU A 80 3.64 -3.70 -35.06
N VAL A 81 4.04 -4.42 -34.01
CA VAL A 81 3.09 -5.09 -33.12
C VAL A 81 3.70 -5.01 -31.73
N ALA A 82 2.88 -5.29 -30.72
CA ALA A 82 3.32 -5.32 -29.34
C ALA A 82 3.19 -6.73 -28.80
N ILE A 83 4.31 -7.24 -28.28
CA ILE A 83 4.44 -8.64 -27.89
C ILE A 83 4.59 -8.69 -26.37
N ARG A 84 3.66 -9.38 -25.71
CA ARG A 84 3.63 -9.55 -24.25
C ARG A 84 3.98 -11.00 -23.90
N LEU A 85 5.14 -11.20 -23.30
CA LEU A 85 5.65 -12.50 -22.87
C LEU A 85 5.30 -12.79 -21.42
N ILE A 86 4.75 -13.96 -21.16
CA ILE A 86 4.18 -14.46 -19.91
C ILE A 86 4.85 -15.77 -19.56
N ASP A 87 5.01 -16.01 -18.26
CA ASP A 87 5.61 -17.24 -17.80
C ASP A 87 4.55 -17.97 -16.99
N ILE A 88 4.54 -19.29 -17.12
CA ILE A 88 3.60 -20.17 -16.45
C ILE A 88 4.39 -21.33 -15.86
N GLU A 89 3.73 -22.10 -14.99
CA GLU A 89 4.30 -23.32 -14.46
C GLU A 89 4.36 -24.36 -15.57
N ARG A 90 5.40 -25.21 -15.54
CA ARG A 90 5.62 -26.14 -16.65
C ARG A 90 4.36 -26.96 -16.95
N ASP A 91 3.70 -27.50 -15.89
CA ASP A 91 2.44 -28.27 -16.00
C ASP A 91 1.43 -27.80 -14.94
N ASN A 92 0.90 -26.60 -15.12
CA ASN A 92 -0.27 -26.17 -14.38
C ASN A 92 -1.49 -26.29 -15.30
N GLU A 93 -1.90 -27.55 -15.53
CA GLU A 93 -3.01 -27.88 -16.42
C GLU A 93 -4.22 -27.01 -16.17
N ASP A 94 -4.54 -26.79 -14.91
CA ASP A 94 -5.58 -25.87 -14.49
C ASP A 94 -5.50 -24.56 -15.27
N GLN A 95 -4.42 -23.81 -15.02
CA GLN A 95 -4.29 -22.47 -15.58
C GLN A 95 -3.99 -22.46 -17.08
N LEU A 96 -3.38 -23.51 -17.62
CA LEU A 96 -3.11 -23.49 -19.06
C LEU A 96 -4.38 -23.57 -19.90
N LYS A 97 -5.27 -24.52 -19.61
CA LYS A 97 -6.52 -24.56 -20.34
C LYS A 97 -7.45 -23.40 -20.00
N ALA A 98 -7.39 -22.91 -18.74
CA ALA A 98 -8.11 -21.69 -18.39
C ALA A 98 -7.70 -20.54 -19.30
N PHE A 99 -6.40 -20.38 -19.48
CA PHE A 99 -5.86 -19.37 -20.38
C PHE A 99 -6.40 -19.53 -21.81
N LYS A 100 -6.44 -20.76 -22.31
CA LYS A 100 -6.87 -21.01 -23.68
C LYS A 100 -8.34 -20.65 -23.85
N ARG A 101 -9.14 -20.94 -22.82
CA ARG A 101 -10.53 -20.48 -22.77
C ARG A 101 -10.69 -19.05 -23.24
N GLU A 102 -9.93 -18.19 -22.63
CA GLU A 102 -10.01 -16.77 -22.87
C GLU A 102 -9.55 -16.39 -24.28
N VAL A 103 -8.42 -16.93 -24.73
CA VAL A 103 -7.82 -16.47 -25.99
C VAL A 103 -8.53 -16.85 -27.29
N MET A 104 -9.19 -17.99 -27.37
CA MET A 104 -10.08 -18.24 -28.50
C MET A 104 -11.22 -17.23 -28.56
N ALA A 105 -11.72 -16.82 -27.40
CA ALA A 105 -12.70 -15.75 -27.37
C ALA A 105 -12.15 -14.51 -28.06
N TYR A 106 -10.90 -14.13 -27.76
CA TYR A 106 -10.38 -12.87 -28.32
C TYR A 106 -10.30 -12.97 -29.84
N ARG A 107 -10.20 -14.19 -30.36
CA ARG A 107 -10.09 -14.38 -31.80
C ARG A 107 -11.32 -13.89 -32.55
N GLN A 108 -12.44 -13.73 -31.85
CA GLN A 108 -13.66 -13.31 -32.51
C GLN A 108 -13.83 -11.81 -32.45
N THR A 109 -12.86 -11.08 -31.90
CA THR A 109 -13.04 -9.65 -31.66
C THR A 109 -12.44 -8.86 -32.80
N ARG A 110 -13.12 -7.78 -33.15
CA ARG A 110 -12.58 -6.78 -34.05
C ARG A 110 -13.48 -5.57 -33.90
N HIS A 111 -12.91 -4.43 -33.51
CA HIS A 111 -13.72 -3.26 -33.21
C HIS A 111 -12.79 -2.06 -33.07
N GLU A 112 -13.17 -0.94 -33.69
CA GLU A 112 -12.26 0.21 -33.79
C GLU A 112 -11.82 0.74 -32.43
N ASN A 113 -12.59 0.53 -31.36
CA ASN A 113 -12.15 1.02 -30.05
C ASN A 113 -11.52 -0.05 -29.17
N VAL A 114 -11.09 -1.17 -29.72
CA VAL A 114 -10.45 -2.22 -28.95
C VAL A 114 -9.19 -2.56 -29.70
N VAL A 115 -8.07 -2.69 -28.99
CA VAL A 115 -6.81 -3.04 -29.61
C VAL A 115 -6.97 -4.35 -30.35
N LEU A 116 -6.36 -4.43 -31.55
CA LEU A 116 -6.52 -5.62 -32.38
C LEU A 116 -5.71 -6.73 -31.80
N PHE A 117 -6.39 -7.73 -31.27
CA PHE A 117 -5.73 -8.93 -30.80
C PHE A 117 -5.29 -9.78 -32.00
N MET A 118 -4.01 -10.07 -32.11
CA MET A 118 -3.54 -10.77 -33.30
C MET A 118 -3.20 -12.24 -33.12
N GLY A 119 -2.63 -12.65 -32.00
CA GLY A 119 -2.37 -14.06 -31.83
C GLY A 119 -1.72 -14.38 -30.50
N ALA A 120 -1.79 -15.66 -30.15
CA ALA A 120 -1.22 -16.18 -28.92
C ALA A 120 -0.59 -17.53 -29.26
N CYS A 121 0.67 -17.69 -28.92
CA CYS A 121 1.35 -18.98 -29.02
C CYS A 121 1.77 -19.49 -27.64
N MET A 122 1.47 -20.74 -27.39
CA MET A 122 1.80 -21.49 -26.21
C MET A 122 3.01 -22.40 -26.46
N SER A 123 3.87 -22.50 -25.45
CA SER A 123 4.76 -23.61 -25.17
C SER A 123 5.33 -23.55 -23.75
N PRO A 124 4.82 -24.34 -22.84
CA PRO A 124 5.09 -24.09 -21.46
C PRO A 124 6.58 -24.17 -21.23
N PRO A 125 7.11 -23.31 -20.40
CA PRO A 125 6.47 -22.35 -19.53
C PRO A 125 6.21 -21.01 -20.24
N HIS A 126 6.49 -20.91 -21.54
CA HIS A 126 6.53 -19.60 -22.19
C HIS A 126 5.34 -19.39 -23.11
N LEU A 127 4.61 -18.33 -22.83
CA LEU A 127 3.42 -17.93 -23.56
C LEU A 127 3.62 -16.50 -24.09
N ALA A 128 2.92 -16.16 -25.17
CA ALA A 128 3.00 -14.83 -25.76
C ALA A 128 1.61 -14.41 -26.22
N ILE A 129 1.24 -13.14 -25.99
CA ILE A 129 0.03 -12.53 -26.55
C ILE A 129 0.53 -11.40 -27.43
N ILE A 130 0.08 -11.39 -28.68
CA ILE A 130 0.58 -10.48 -29.68
C ILE A 130 -0.60 -9.60 -30.05
N THR A 131 -0.45 -8.29 -29.87
CA THR A 131 -1.53 -7.40 -30.23
C THR A 131 -0.96 -6.37 -31.17
N SER A 132 -1.87 -5.58 -31.74
CA SER A 132 -1.46 -4.44 -32.53
C SER A 132 -0.72 -3.44 -31.65
N LEU A 133 0.18 -2.67 -32.25
CA LEU A 133 0.95 -1.67 -31.51
C LEU A 133 0.24 -0.33 -31.52
N CYS A 134 0.10 0.27 -30.34
CA CYS A 134 -0.60 1.53 -30.22
C CYS A 134 0.38 2.68 -30.45
N LYS A 135 0.17 3.46 -31.51
CA LYS A 135 0.79 4.78 -31.60
C LYS A 135 0.25 5.67 -30.49
N GLY A 136 1.03 6.68 -30.11
CA GLY A 136 0.50 7.64 -29.14
C GLY A 136 0.82 7.30 -27.71
N ARG A 137 0.08 7.92 -26.80
CA ARG A 137 0.31 7.79 -25.38
C ARG A 137 -0.94 7.23 -24.72
N THR A 138 -0.72 6.57 -23.58
CA THR A 138 -1.83 6.17 -22.72
C THR A 138 -2.62 7.37 -22.25
N LEU A 139 -3.92 7.16 -22.05
CA LEU A 139 -4.74 8.19 -21.42
C LEU A 139 -4.18 8.62 -20.07
N TYR A 140 -3.52 7.71 -19.34
CA TYR A 140 -2.89 8.09 -18.08
C TYR A 140 -1.93 9.26 -18.25
N SER A 141 -1.04 9.18 -19.23
CA SER A 141 -0.08 10.25 -19.45
C SER A 141 -0.75 11.51 -19.96
N VAL A 142 -1.71 11.38 -20.87
CA VAL A 142 -2.34 12.59 -21.42
C VAL A 142 -3.01 13.41 -20.32
N VAL A 143 -3.83 12.79 -19.46
CA VAL A 143 -4.48 13.57 -18.39
C VAL A 143 -3.46 14.24 -17.48
N ARG A 144 -2.31 13.63 -17.26
CA ARG A 144 -1.34 14.19 -16.33
C ARG A 144 -0.29 15.06 -17.01
N ASP A 145 -0.56 15.49 -18.25
CA ASP A 145 0.38 16.31 -19.01
C ASP A 145 -0.20 17.71 -19.03
N ALA A 146 0.50 18.63 -18.36
CA ALA A 146 0.02 20.00 -18.17
C ALA A 146 -0.11 20.76 -19.50
N LYS A 147 0.68 20.41 -20.52
CA LYS A 147 0.58 21.12 -21.79
C LYS A 147 -0.64 20.76 -22.65
N ILE A 148 -1.40 19.72 -22.32
CA ILE A 148 -2.59 19.34 -23.08
C ILE A 148 -3.85 19.85 -22.39
N VAL A 149 -4.68 20.56 -23.14
CA VAL A 149 -5.95 21.03 -22.61
C VAL A 149 -7.00 19.97 -22.85
N LEU A 150 -7.84 19.74 -21.84
CA LEU A 150 -8.86 18.68 -21.83
C LEU A 150 -10.22 19.28 -21.47
N ASP A 151 -10.82 20.01 -22.40
CA ASP A 151 -12.09 20.67 -22.12
C ASP A 151 -13.22 19.65 -21.99
N VAL A 152 -14.38 20.15 -21.54
CA VAL A 152 -15.49 19.30 -21.15
C VAL A 152 -16.08 18.61 -22.38
N ASN A 153 -16.03 19.28 -23.53
CA ASN A 153 -16.49 18.64 -24.77
C ASN A 153 -15.60 17.45 -25.10
N LYS A 154 -14.29 17.64 -25.00
CA LYS A 154 -13.33 16.58 -25.33
C LYS A 154 -13.40 15.41 -24.35
N THR A 155 -13.56 15.69 -23.05
CA THR A 155 -13.70 14.60 -22.09
C THR A 155 -14.96 13.79 -22.36
N ARG A 156 -16.05 14.46 -22.70
CA ARG A 156 -17.24 13.72 -23.08
C ARG A 156 -16.93 12.85 -24.28
N GLN A 157 -16.14 13.37 -25.22
CA GLN A 157 -15.87 12.64 -26.44
C GLN A 157 -14.98 11.41 -26.17
N ILE A 158 -13.91 11.57 -25.40
CA ILE A 158 -13.05 10.44 -25.04
C ILE A 158 -13.84 9.36 -24.30
N ALA A 159 -14.65 9.78 -23.33
CA ALA A 159 -15.45 8.86 -22.55
C ALA A 159 -16.37 8.06 -23.46
N GLN A 160 -16.96 8.74 -24.44
CA GLN A 160 -17.88 8.07 -25.34
C GLN A 160 -17.19 6.98 -26.16
N GLU A 161 -15.93 7.24 -26.60
CA GLU A 161 -15.15 6.21 -27.30
C GLU A 161 -14.94 4.97 -26.44
N ILE A 162 -14.54 5.16 -25.18
CA ILE A 162 -14.29 4.03 -24.28
C ILE A 162 -15.55 3.23 -24.07
N VAL A 163 -16.71 3.89 -24.03
CA VAL A 163 -17.94 3.18 -23.76
C VAL A 163 -18.31 2.31 -24.95
N LYS A 164 -18.13 2.84 -26.17
CA LYS A 164 -18.41 2.05 -27.37
C LYS A 164 -17.60 0.77 -27.38
N GLY A 165 -16.30 0.89 -27.13
CA GLY A 165 -15.47 -0.29 -27.06
C GLY A 165 -15.96 -1.27 -26.01
N MET A 166 -16.28 -0.75 -24.81
CA MET A 166 -16.69 -1.61 -23.70
C MET A 166 -18.02 -2.29 -23.99
N GLY A 167 -18.96 -1.58 -24.63
CA GLY A 167 -20.22 -2.22 -24.93
C GLY A 167 -20.06 -3.32 -25.96
N TYR A 168 -19.14 -3.12 -26.92
CA TYR A 168 -18.79 -4.20 -27.85
C TYR A 168 -18.29 -5.43 -27.10
N LEU A 169 -17.29 -5.25 -26.22
CA LEU A 169 -16.73 -6.39 -25.50
C LEU A 169 -17.79 -7.05 -24.65
N HIS A 170 -18.63 -6.25 -24.01
CA HIS A 170 -19.70 -6.81 -23.20
C HIS A 170 -20.68 -7.57 -24.08
N ALA A 171 -21.02 -6.99 -25.25
CA ALA A 171 -21.96 -7.64 -26.15
C ALA A 171 -21.47 -9.01 -26.57
N LYS A 172 -20.16 -9.19 -26.71
CA LYS A 172 -19.53 -10.48 -26.97
C LYS A 172 -19.27 -11.30 -25.71
N GLY A 173 -19.85 -10.90 -24.58
CA GLY A 173 -19.64 -11.58 -23.30
C GLY A 173 -18.22 -11.60 -22.78
N ILE A 174 -17.44 -10.55 -23.03
CA ILE A 174 -16.08 -10.44 -22.50
C ILE A 174 -16.04 -9.31 -21.49
N LEU A 175 -15.64 -9.64 -20.25
CA LEU A 175 -15.38 -8.64 -19.21
C LEU A 175 -13.93 -8.21 -19.20
N HIS A 176 -13.71 -6.91 -18.99
CA HIS A 176 -12.36 -6.37 -18.98
C HIS A 176 -11.62 -6.75 -17.70
N LYS A 177 -12.19 -6.40 -16.54
CA LYS A 177 -11.67 -6.70 -15.20
C LYS A 177 -10.46 -5.85 -14.81
N ASP A 178 -9.95 -4.98 -15.68
CA ASP A 178 -8.88 -4.08 -15.28
C ASP A 178 -8.93 -2.80 -16.10
N LEU A 179 -10.13 -2.27 -16.29
CA LEU A 179 -10.29 -1.01 -17.01
C LEU A 179 -9.69 0.15 -16.20
N LYS A 180 -8.87 0.96 -16.87
CA LYS A 180 -8.15 2.05 -16.23
C LYS A 180 -7.35 2.82 -17.28
N SER A 181 -6.95 4.05 -16.93
CA SER A 181 -6.40 4.96 -17.92
C SER A 181 -5.01 4.51 -18.39
N LYS A 182 -4.31 3.67 -17.64
CA LYS A 182 -3.08 3.11 -18.19
C LYS A 182 -3.37 2.04 -19.25
N ASN A 183 -4.63 1.61 -19.34
CA ASN A 183 -5.04 0.62 -20.33
C ASN A 183 -5.93 1.22 -21.40
N VAL A 184 -5.81 2.52 -21.63
CA VAL A 184 -6.46 3.16 -22.76
C VAL A 184 -5.41 3.99 -23.49
N PHE A 185 -5.44 3.99 -24.83
CA PHE A 185 -4.47 4.72 -25.62
C PHE A 185 -5.16 5.79 -26.46
N TYR A 186 -4.54 6.97 -26.53
CA TYR A 186 -5.09 8.16 -27.16
C TYR A 186 -4.05 8.77 -28.08
N ASP A 187 -4.38 8.90 -29.37
CA ASP A 187 -3.47 9.54 -30.33
C ASP A 187 -4.35 10.47 -31.17
N ASN A 188 -4.34 11.75 -30.81
CA ASN A 188 -5.04 12.79 -31.55
C ASN A 188 -6.46 12.35 -31.93
N GLY A 189 -7.21 11.91 -30.92
CA GLY A 189 -8.59 11.52 -31.06
C GLY A 189 -8.88 10.05 -31.29
N LYS A 190 -7.90 9.21 -31.59
CA LYS A 190 -8.18 7.78 -31.70
C LYS A 190 -8.00 7.16 -30.31
N VAL A 191 -9.04 6.49 -29.82
CA VAL A 191 -9.04 5.94 -28.46
C VAL A 191 -9.23 4.43 -28.58
N VAL A 192 -8.34 3.65 -27.96
CA VAL A 192 -8.35 2.18 -28.06
C VAL A 192 -8.23 1.60 -26.66
N ILE A 193 -9.00 0.55 -26.37
CA ILE A 193 -8.97 -0.13 -25.08
C ILE A 193 -8.02 -1.32 -25.18
N THR A 194 -7.17 -1.54 -24.18
CA THR A 194 -6.26 -2.68 -24.22
C THR A 194 -6.35 -3.53 -22.95
N ASP A 195 -5.68 -4.67 -23.03
CA ASP A 195 -5.42 -5.57 -21.90
C ASP A 195 -6.68 -6.15 -21.27
N PHE A 196 -7.78 -6.21 -21.98
CA PHE A 196 -9.00 -6.83 -21.47
C PHE A 196 -8.81 -8.33 -21.19
N GLY A 197 -9.55 -8.84 -20.20
CA GLY A 197 -9.46 -10.24 -19.81
C GLY A 197 -8.19 -10.71 -19.14
N LEU A 198 -7.09 -9.97 -19.32
CA LEU A 198 -5.80 -10.42 -18.79
C LEU A 198 -5.83 -10.68 -17.30
N PHE A 199 -6.63 -9.90 -16.55
CA PHE A 199 -6.51 -9.91 -15.09
C PHE A 199 -6.79 -11.28 -14.50
N SER A 200 -7.68 -12.05 -15.13
CA SER A 200 -7.97 -13.41 -14.68
C SER A 200 -6.70 -14.24 -14.57
N ILE A 201 -5.86 -14.15 -15.57
CA ILE A 201 -4.69 -14.99 -15.68
C ILE A 201 -3.46 -14.24 -15.15
N SER A 202 -3.67 -13.14 -14.41
CA SER A 202 -2.60 -12.16 -14.25
C SER A 202 -1.64 -12.52 -13.11
N GLY A 203 -2.18 -12.91 -11.95
CA GLY A 203 -1.31 -13.09 -10.80
C GLY A 203 -0.65 -11.85 -10.23
N VAL A 204 -1.23 -10.66 -10.45
CA VAL A 204 -0.60 -9.41 -9.99
C VAL A 204 -0.72 -9.23 -8.48
N LEU A 205 -1.44 -10.14 -7.82
CA LEU A 205 -1.51 -10.17 -6.36
C LEU A 205 -0.66 -11.24 -5.70
N GLN A 206 -0.47 -12.39 -6.35
CA GLN A 206 0.52 -13.38 -5.92
C GLN A 206 0.11 -14.03 -4.60
N GLU A 211 3.80 -13.24 2.66
CA GLU A 211 2.74 -14.07 3.24
C GLU A 211 1.81 -13.29 4.18
N ASP A 212 0.51 -13.49 3.92
CA ASP A 212 -0.66 -12.90 4.61
C ASP A 212 -0.64 -11.37 4.67
N LYS A 213 -0.34 -10.78 3.51
CA LYS A 213 -0.30 -9.34 3.35
C LYS A 213 -0.50 -9.17 1.84
N LEU A 214 -1.64 -8.59 1.45
CA LEU A 214 -2.00 -8.42 0.05
C LEU A 214 -1.36 -7.17 -0.54
N ARG A 215 -0.76 -7.31 -1.70
CA ARG A 215 -0.10 -6.21 -2.40
C ARG A 215 -1.09 -5.37 -3.20
N ILE A 216 -1.08 -4.06 -2.94
CA ILE A 216 -2.01 -3.08 -3.51
C ILE A 216 -1.22 -2.01 -4.23
N GLN A 217 -1.47 -1.88 -5.53
CA GLN A 217 -0.84 -0.88 -6.38
C GLN A 217 -1.61 0.43 -6.27
N ASN A 218 -0.89 1.55 -6.34
CA ASN A 218 -1.59 2.83 -6.39
C ASN A 218 -2.53 2.87 -7.58
N GLY A 219 -3.72 3.40 -7.38
CA GLY A 219 -4.68 3.42 -8.44
C GLY A 219 -5.60 2.22 -8.51
N TRP A 220 -5.20 1.07 -7.98
CA TRP A 220 -6.04 -0.11 -8.15
C TRP A 220 -7.35 0.02 -7.41
N LEU A 221 -7.28 0.25 -6.09
CA LEU A 221 -8.47 0.16 -5.26
C LEU A 221 -9.54 1.14 -5.71
N CYS A 222 -9.15 2.32 -6.22
CA CYS A 222 -10.21 3.27 -6.53
C CYS A 222 -10.96 2.90 -7.79
N HIS A 223 -10.58 1.82 -8.48
CA HIS A 223 -11.36 1.36 -9.62
C HIS A 223 -12.29 0.21 -9.27
N LEU A 224 -12.19 -0.33 -8.05
CA LEU A 224 -12.89 -1.55 -7.68
C LEU A 224 -14.26 -1.22 -7.11
N ALA A 225 -15.30 -1.79 -7.68
CA ALA A 225 -16.63 -1.54 -7.18
C ALA A 225 -16.72 -2.08 -5.74
N PRO A 226 -17.62 -1.51 -4.94
CA PRO A 226 -17.74 -1.94 -3.53
C PRO A 226 -17.89 -3.43 -3.32
N GLU A 227 -18.72 -4.11 -4.12
CA GLU A 227 -18.86 -5.56 -3.92
C GLU A 227 -17.51 -6.24 -3.93
N ILE A 228 -16.56 -5.74 -4.73
CA ILE A 228 -15.25 -6.37 -4.79
C ILE A 228 -14.40 -5.92 -3.62
N ILE A 229 -14.44 -4.60 -3.34
CA ILE A 229 -13.61 -4.03 -2.27
C ILE A 229 -13.90 -4.76 -0.97
N ARG A 230 -15.17 -5.06 -0.71
CA ARG A 230 -15.54 -5.72 0.53
C ARG A 230 -15.08 -7.18 0.61
N GLN A 231 -14.35 -7.69 -0.38
CA GLN A 231 -13.91 -9.08 -0.32
C GLN A 231 -12.40 -9.26 -0.39
N LEU A 232 -11.61 -8.21 -0.60
CA LEU A 232 -10.16 -8.40 -0.59
C LEU A 232 -9.65 -8.93 0.75
N SER A 233 -8.77 -9.93 0.68
CA SER A 233 -8.09 -10.52 1.82
C SER A 233 -6.71 -10.91 1.32
N PRO A 234 -5.78 -11.22 2.22
CA PRO A 234 -4.49 -11.78 1.76
C PRO A 234 -4.60 -13.17 1.12
N ASP A 235 -5.79 -13.78 1.14
CA ASP A 235 -6.03 -15.06 0.48
C ASP A 235 -6.70 -14.89 -0.87
N THR A 236 -6.97 -13.64 -1.27
CA THR A 236 -7.78 -13.33 -2.44
C THR A 236 -7.02 -13.73 -3.69
N GLU A 237 -7.75 -14.26 -4.67
CA GLU A 237 -7.15 -14.74 -5.91
C GLU A 237 -7.86 -14.09 -7.08
N GLU A 238 -7.07 -13.61 -8.05
CA GLU A 238 -7.57 -12.83 -9.18
C GLU A 238 -8.70 -13.56 -9.91
N ASP A 239 -8.59 -14.87 -10.04
CA ASP A 239 -9.54 -15.68 -10.80
C ASP A 239 -10.84 -15.88 -10.05
N LYS A 240 -10.92 -15.47 -8.79
CA LYS A 240 -12.11 -15.72 -7.98
C LYS A 240 -12.75 -14.46 -7.41
N LEU A 241 -12.29 -13.29 -7.81
CA LEU A 241 -13.02 -12.10 -7.41
C LEU A 241 -14.30 -11.92 -8.24
N PRO A 242 -15.39 -11.46 -7.63
CA PRO A 242 -16.70 -11.42 -8.29
C PRO A 242 -16.83 -10.28 -9.30
N PHE A 243 -16.01 -10.31 -10.34
CA PHE A 243 -16.14 -9.36 -11.44
C PHE A 243 -17.46 -9.57 -12.21
N SER A 244 -17.91 -8.51 -12.88
CA SER A 244 -19.21 -8.51 -13.54
C SER A 244 -19.22 -7.36 -14.53
N LYS A 245 -20.29 -7.28 -15.33
CA LYS A 245 -20.43 -6.12 -16.20
C LYS A 245 -20.60 -4.86 -15.36
N HIS A 246 -21.23 -5.00 -14.20
CA HIS A 246 -21.43 -3.86 -13.31
C HIS A 246 -20.12 -3.35 -12.75
N SER A 247 -19.19 -4.27 -12.44
CA SER A 247 -17.90 -3.82 -11.93
C SER A 247 -17.12 -3.08 -13.01
N ASP A 248 -17.27 -3.47 -14.27
CA ASP A 248 -16.65 -2.72 -15.34
C ASP A 248 -17.20 -1.31 -15.46
N VAL A 249 -18.51 -1.13 -15.32
CA VAL A 249 -19.07 0.22 -15.36
C VAL A 249 -18.52 1.08 -14.22
N PHE A 250 -18.40 0.51 -13.02
CA PHE A 250 -17.78 1.21 -11.92
C PHE A 250 -16.41 1.71 -12.33
N ALA A 251 -15.60 0.84 -12.93
CA ALA A 251 -14.26 1.25 -13.33
C ALA A 251 -14.30 2.40 -14.33
N LEU A 252 -15.30 2.42 -15.22
CA LEU A 252 -15.40 3.59 -16.10
C LEU A 252 -15.69 4.87 -15.30
N GLY A 253 -16.45 4.75 -14.21
CA GLY A 253 -16.72 5.91 -13.39
C GLY A 253 -15.45 6.53 -12.85
N THR A 254 -14.52 5.70 -12.37
CA THR A 254 -13.25 6.23 -11.91
C THR A 254 -12.54 6.99 -13.04
N ILE A 255 -12.63 6.50 -14.28
CA ILE A 255 -12.01 7.21 -15.39
C ILE A 255 -12.69 8.55 -15.62
N TRP A 256 -14.02 8.63 -15.45
CA TRP A 256 -14.68 9.91 -15.67
C TRP A 256 -14.21 10.94 -14.67
N TYR A 257 -14.17 10.55 -13.39
CA TYR A 257 -13.56 11.40 -12.37
C TYR A 257 -12.17 11.82 -12.81
N GLU A 258 -11.34 10.86 -13.17
CA GLU A 258 -9.96 11.17 -13.52
C GLU A 258 -9.89 12.07 -14.74
N LEU A 259 -10.82 11.93 -15.68
CA LEU A 259 -10.82 12.81 -16.84
C LEU A 259 -11.00 14.26 -16.45
N HIS A 260 -11.84 14.52 -15.45
CA HIS A 260 -12.14 15.89 -15.10
C HIS A 260 -11.25 16.43 -13.99
N ALA A 261 -10.96 15.63 -12.99
CA ALA A 261 -10.03 16.12 -11.98
C ALA A 261 -8.59 16.01 -12.42
N ARG A 262 -8.28 15.24 -13.44
CA ARG A 262 -6.89 15.06 -13.88
C ARG A 262 -6.03 14.44 -12.78
N GLU A 263 -6.66 13.68 -11.88
CA GLU A 263 -5.99 12.86 -10.88
C GLU A 263 -6.99 11.79 -10.45
N TRP A 264 -6.48 10.69 -9.85
CA TRP A 264 -7.35 9.63 -9.32
C TRP A 264 -8.13 10.13 -8.10
N PRO A 265 -9.30 9.58 -7.83
CA PRO A 265 -9.95 9.85 -6.55
C PRO A 265 -9.21 9.16 -5.41
N PHE A 266 -9.38 9.72 -4.21
CA PHE A 266 -8.75 9.21 -2.98
C PHE A 266 -7.25 9.31 -3.06
N LYS A 267 -6.77 10.30 -3.81
CA LYS A 267 -5.35 10.45 -4.06
C LYS A 267 -4.59 10.60 -2.75
N THR A 268 -5.23 11.22 -1.76
CA THR A 268 -4.55 11.56 -0.51
C THR A 268 -4.29 10.35 0.38
N GLN A 269 -5.23 9.39 0.38
CA GLN A 269 -5.47 8.38 1.40
C GLN A 269 -4.69 7.10 1.19
N PRO A 270 -4.31 6.49 2.32
CA PRO A 270 -3.67 5.18 2.28
C PRO A 270 -4.68 4.11 1.96
N ALA A 271 -4.16 2.91 1.69
CA ALA A 271 -4.98 1.85 1.10
C ALA A 271 -6.10 1.43 2.03
N GLU A 272 -5.77 1.29 3.31
CA GLU A 272 -6.74 0.83 4.30
C GLU A 272 -7.90 1.80 4.43
N ALA A 273 -7.58 3.09 4.44
CA ALA A 273 -8.60 4.13 4.44
C ALA A 273 -9.47 4.05 3.19
N ILE A 274 -8.85 3.75 2.04
CA ILE A 274 -9.62 3.69 0.79
C ILE A 274 -10.56 2.51 0.84
N ILE A 275 -10.08 1.37 1.33
CA ILE A 275 -10.93 0.20 1.41
C ILE A 275 -12.17 0.47 2.25
N TRP A 276 -11.99 1.07 3.43
CA TRP A 276 -13.14 1.32 4.30
C TRP A 276 -14.08 2.36 3.70
N GLN A 277 -13.55 3.47 3.21
CA GLN A 277 -14.42 4.48 2.64
C GLN A 277 -15.19 3.94 1.45
N MET A 278 -14.52 3.19 0.58
CA MET A 278 -15.21 2.69 -0.61
C MET A 278 -16.17 1.57 -0.26
N GLY A 279 -15.79 0.71 0.69
CA GLY A 279 -16.66 -0.37 1.11
C GLY A 279 -17.96 0.10 1.75
N THR A 280 -17.95 1.24 2.44
CA THR A 280 -19.19 1.76 2.99
C THR A 280 -19.89 2.74 2.05
N GLY A 281 -19.29 3.05 0.91
CA GLY A 281 -20.00 3.72 -0.14
C GLY A 281 -19.79 5.19 -0.18
N MET A 282 -18.73 5.68 0.45
CA MET A 282 -18.42 7.09 0.39
C MET A 282 -17.65 7.42 -0.88
N LYS A 283 -18.12 8.43 -1.61
CA LYS A 283 -17.53 8.74 -2.89
C LYS A 283 -17.43 10.25 -3.09
N PRO A 284 -16.39 10.72 -3.75
CA PRO A 284 -16.26 12.16 -4.03
C PRO A 284 -17.20 12.61 -5.13
N ASN A 285 -17.28 13.93 -5.28
CA ASN A 285 -18.00 14.53 -6.39
C ASN A 285 -17.07 15.50 -7.12
N LEU A 286 -17.57 16.25 -8.09
CA LEU A 286 -16.73 17.18 -8.84
C LEU A 286 -17.16 18.63 -8.64
N SER A 287 -17.88 18.91 -7.55
CA SER A 287 -18.33 20.28 -7.35
C SER A 287 -17.19 21.17 -6.90
N GLN A 288 -16.17 20.62 -6.24
CA GLN A 288 -15.01 21.42 -5.84
C GLN A 288 -14.27 22.10 -7.00
N ILE A 289 -14.42 21.63 -8.25
CA ILE A 289 -13.81 22.29 -9.40
C ILE A 289 -14.86 22.90 -10.33
N GLY A 290 -16.08 23.07 -9.85
CA GLY A 290 -17.02 23.81 -10.65
C GLY A 290 -17.61 23.02 -11.79
N MET A 291 -17.60 21.69 -11.71
CA MET A 291 -18.22 20.90 -12.77
C MET A 291 -19.71 20.86 -12.49
N GLY A 292 -20.49 21.02 -13.54
CA GLY A 292 -21.94 21.08 -13.40
C GLY A 292 -22.56 19.78 -12.92
N LYS A 293 -23.86 19.89 -12.67
CA LYS A 293 -24.62 18.77 -12.14
C LYS A 293 -24.60 17.59 -13.10
N GLU A 294 -24.66 17.85 -14.42
CA GLU A 294 -24.82 16.76 -15.40
C GLU A 294 -23.58 15.88 -15.43
N ILE A 295 -22.41 16.52 -15.46
CA ILE A 295 -21.14 15.81 -15.44
C ILE A 295 -20.96 15.07 -14.12
N SER A 296 -21.58 15.55 -13.05
CA SER A 296 -21.51 14.82 -11.78
C SER A 296 -22.57 13.74 -11.66
N ASP A 297 -23.70 13.85 -12.36
CA ASP A 297 -24.72 12.82 -12.21
C ASP A 297 -24.30 11.47 -12.78
N ILE A 298 -23.52 11.47 -13.87
CA ILE A 298 -22.98 10.20 -14.39
C ILE A 298 -22.21 9.45 -13.30
N LEU A 299 -21.43 10.17 -12.48
CA LEU A 299 -20.67 9.48 -11.44
C LEU A 299 -21.60 8.89 -10.41
N LEU A 300 -22.63 9.63 -10.03
CA LEU A 300 -23.61 9.12 -9.10
C LEU A 300 -24.19 7.82 -9.63
N PHE A 301 -24.33 7.72 -10.95
CA PHE A 301 -24.90 6.51 -11.53
C PHE A 301 -23.84 5.40 -11.65
N CYS A 302 -22.68 5.70 -12.26
CA CYS A 302 -21.65 4.67 -12.42
C CYS A 302 -21.11 4.15 -11.09
N TRP A 303 -21.06 4.99 -10.05
CA TRP A 303 -20.51 4.56 -8.77
C TRP A 303 -21.57 4.09 -7.80
N ALA A 304 -22.80 3.92 -8.28
CA ALA A 304 -23.92 3.54 -7.42
C ALA A 304 -23.55 2.34 -6.54
N PHE A 305 -24.01 2.39 -5.28
CA PHE A 305 -23.55 1.39 -4.31
C PHE A 305 -24.11 0.01 -4.63
N GLU A 306 -25.38 -0.10 -4.97
CA GLU A 306 -25.92 -1.40 -5.32
C GLU A 306 -25.75 -1.56 -6.83
N GLN A 307 -25.09 -2.64 -7.25
CA GLN A 307 -24.68 -2.80 -8.64
C GLN A 307 -25.81 -2.64 -9.66
N GLU A 308 -26.97 -3.29 -9.42
CA GLU A 308 -28.06 -3.31 -10.40
C GLU A 308 -28.59 -1.92 -10.73
N GLU A 309 -28.25 -0.92 -9.92
CA GLU A 309 -28.64 0.45 -10.20
C GLU A 309 -27.68 1.14 -11.17
N ARG A 310 -26.51 0.58 -11.41
CA ARG A 310 -25.55 1.14 -12.34
C ARG A 310 -25.99 0.81 -13.77
N PRO A 311 -25.82 1.75 -14.69
CA PRO A 311 -26.25 1.51 -16.07
C PRO A 311 -25.33 0.57 -16.84
N THR A 312 -25.92 -0.07 -17.84
CA THR A 312 -25.14 -0.72 -18.86
C THR A 312 -24.41 0.34 -19.68
N PHE A 313 -23.44 -0.12 -20.46
CA PHE A 313 -22.73 0.79 -21.35
C PHE A 313 -23.62 1.37 -22.44
N THR A 314 -24.68 0.66 -22.83
CA THR A 314 -25.59 1.24 -23.81
C THR A 314 -26.30 2.49 -23.27
N LYS A 315 -26.95 2.36 -22.10
CA LYS A 315 -27.60 3.54 -21.50
C LYS A 315 -26.60 4.65 -21.19
N LEU A 316 -25.42 4.30 -20.69
CA LEU A 316 -24.44 5.32 -20.34
C LEU A 316 -24.05 6.15 -21.56
N MET A 317 -23.89 5.50 -22.72
CA MET A 317 -23.62 6.21 -23.97
C MET A 317 -24.66 7.29 -24.24
N ASP A 318 -25.93 6.97 -24.00
CA ASP A 318 -27.00 7.94 -24.16
C ASP A 318 -26.80 9.12 -23.20
N MET A 319 -26.58 8.81 -21.92
CA MET A 319 -26.37 9.84 -20.90
C MET A 319 -25.24 10.80 -21.28
N LEU A 320 -24.16 10.28 -21.88
CA LEU A 320 -23.02 11.13 -22.27
C LEU A 320 -23.40 12.02 -23.46
N GLU A 321 -24.25 11.52 -24.36
CA GLU A 321 -24.70 12.33 -25.49
C GLU A 321 -25.41 13.61 -25.04
N LYS A 322 -26.10 13.54 -23.90
CA LYS A 322 -26.95 14.64 -23.46
C LYS A 322 -26.24 15.69 -22.60
N LEU A 323 -24.93 15.71 -22.61
CA LEU A 323 -24.21 16.75 -21.94
C LEU A 323 -24.13 18.00 -22.84
N PRO A 324 -23.97 19.19 -22.25
CA PRO A 324 -23.69 20.39 -23.04
C PRO A 324 -22.31 20.38 -23.71
N GLU B 32 13.04 16.35 31.17
CA GLU B 32 13.23 15.82 29.83
C GLU B 32 14.70 15.91 29.42
N LEU B 33 15.56 15.49 30.36
CA LEU B 33 17.00 15.38 30.12
C LEU B 33 17.56 14.44 31.18
N ASP B 34 18.49 13.57 30.76
CA ASP B 34 19.22 12.74 31.70
C ASP B 34 20.70 12.75 31.27
N GLU B 35 21.57 12.32 32.21
CA GLU B 35 23.01 12.22 32.01
C GLU B 35 23.47 10.87 31.41
N GLN B 36 23.19 9.72 32.04
CA GLN B 36 23.64 8.46 31.40
C GLN B 36 23.24 8.48 29.92
N GLN B 37 22.05 8.99 29.67
CA GLN B 37 21.60 9.25 28.30
C GLN B 37 22.51 10.29 27.64
N ARG B 38 22.84 11.37 28.35
CA ARG B 38 23.83 12.36 27.87
C ARG B 38 25.12 11.72 27.32
N LYS B 39 25.70 10.69 27.99
CA LYS B 39 26.98 10.09 27.53
C LYS B 39 26.87 9.45 26.13
N ARG B 40 25.85 8.62 25.94
CA ARG B 40 25.58 7.91 24.70
C ARG B 40 25.29 8.81 23.49
N LEU B 41 24.62 9.99 23.65
CA LEU B 41 24.27 10.77 22.45
C LEU B 41 25.44 11.34 21.65
N GLU B 42 26.39 12.05 22.29
CA GLU B 42 27.63 12.51 21.65
C GLU B 42 28.43 11.33 21.12
N ALA B 43 28.49 10.26 21.91
CA ALA B 43 29.24 9.09 21.50
C ALA B 43 28.68 8.60 20.18
N PHE B 44 27.36 8.61 20.04
CA PHE B 44 26.79 8.27 18.74
C PHE B 44 27.15 9.31 17.69
N LEU B 45 27.11 10.60 18.08
CA LEU B 45 27.56 11.68 17.20
C LEU B 45 29.03 11.47 16.78
N THR B 46 29.93 11.29 17.74
CA THR B 46 31.31 10.90 17.45
C THR B 46 31.34 9.74 16.45
N GLN B 47 30.48 8.75 16.61
CA GLN B 47 30.55 7.59 15.71
C GLN B 47 30.22 8.06 14.30
N LYS B 48 29.17 8.87 14.17
CA LYS B 48 28.66 9.39 12.90
C LYS B 48 29.71 10.24 12.18
N GLN B 49 30.69 10.79 12.93
CA GLN B 49 31.82 11.49 12.33
C GLN B 49 32.55 10.61 11.32
N LYS B 50 32.54 9.30 11.57
CA LYS B 50 33.27 8.28 10.82
C LYS B 50 32.82 8.22 9.36
N VAL B 51 31.56 8.57 9.08
CA VAL B 51 30.90 8.11 7.86
C VAL B 51 31.34 8.80 6.58
N GLY B 52 31.69 10.09 6.63
CA GLY B 52 31.70 10.91 5.44
C GLY B 52 30.43 10.65 4.66
N GLU B 53 30.62 10.04 3.48
CA GLU B 53 29.65 9.70 2.45
C GLU B 53 29.50 8.19 2.29
N LEU B 54 28.41 7.79 1.65
CA LEU B 54 28.02 6.40 1.53
C LEU B 54 27.78 6.05 0.05
N LYS B 55 28.09 4.80 -0.33
CA LYS B 55 27.59 4.18 -1.57
C LYS B 55 27.83 2.67 -1.49
N ASP B 56 27.26 1.96 -2.47
CA ASP B 56 27.03 0.52 -2.37
C ASP B 56 28.25 -0.28 -1.93
N ASP B 57 29.41 -0.07 -2.59
CA ASP B 57 30.52 -0.97 -2.34
C ASP B 57 31.17 -0.80 -0.97
N ASP B 58 30.82 0.26 -0.24
CA ASP B 58 31.26 0.38 1.14
C ASP B 58 30.75 -0.73 2.04
N PHE B 59 29.69 -1.44 1.63
CA PHE B 59 28.86 -2.26 2.52
C PHE B 59 28.83 -3.75 2.13
N GLU B 60 28.92 -4.61 3.16
CA GLU B 60 28.93 -6.07 3.03
C GLU B 60 27.76 -6.71 3.78
N LYS B 61 26.86 -7.33 3.03
CA LYS B 61 25.69 -8.01 3.57
C LYS B 61 26.01 -9.07 4.63
N ILE B 62 25.55 -8.87 5.87
CA ILE B 62 25.67 -9.90 6.91
C ILE B 62 24.42 -10.79 7.02
N SER B 63 23.20 -10.23 7.20
CA SER B 63 22.03 -11.12 7.27
C SER B 63 20.76 -10.37 6.94
N GLU B 64 19.71 -11.15 6.75
CA GLU B 64 18.37 -10.68 6.48
C GLU B 64 17.51 -10.56 7.75
N LEU B 65 16.73 -9.48 7.81
CA LEU B 65 15.89 -9.17 8.96
C LEU B 65 14.42 -9.33 8.63
N VAL B 72 13.08 -4.19 2.05
CA VAL B 72 13.58 -5.00 3.16
C VAL B 72 14.98 -4.50 3.59
N VAL B 73 15.31 -4.72 4.88
CA VAL B 73 16.49 -4.21 5.59
C VAL B 73 17.37 -5.42 5.89
N PHE B 74 18.66 -5.22 5.77
CA PHE B 74 19.68 -6.24 5.97
C PHE B 74 20.67 -5.64 6.97
N LYS B 75 21.18 -6.42 7.93
CA LYS B 75 22.34 -6.00 8.73
C LYS B 75 23.61 -6.12 7.94
N VAL B 76 24.27 -4.98 7.85
CA VAL B 76 25.43 -4.78 7.02
C VAL B 76 26.54 -4.09 7.81
N SER B 77 27.78 -4.29 7.33
CA SER B 77 29.05 -3.84 7.93
C SER B 77 29.68 -2.81 7.00
N HIS B 78 29.75 -1.55 7.44
CA HIS B 78 30.55 -0.56 6.76
C HIS B 78 32.05 -0.90 6.89
N LYS B 79 32.77 -0.85 5.74
CA LYS B 79 34.21 -1.07 5.75
C LYS B 79 34.97 0.25 5.86
N PRO B 80 34.58 1.34 5.09
CA PRO B 80 35.26 2.64 5.27
C PRO B 80 35.28 3.09 6.72
N SER B 81 34.36 2.57 7.53
CA SER B 81 34.33 2.89 8.94
C SER B 81 33.77 1.65 9.66
N GLY B 82 34.38 1.30 10.79
CA GLY B 82 34.14 -0.01 11.41
C GLY B 82 32.74 -0.28 11.94
N LEU B 83 31.76 0.55 11.57
CA LEU B 83 30.44 0.51 12.15
C LEU B 83 29.65 -0.69 11.64
N VAL B 84 28.90 -1.35 12.52
CA VAL B 84 27.82 -2.22 12.09
C VAL B 84 26.50 -1.44 12.12
N MET B 85 25.87 -1.26 10.95
CA MET B 85 24.59 -0.57 10.81
C MET B 85 23.52 -1.54 10.29
N ALA B 86 22.28 -1.08 10.37
CA ALA B 86 21.18 -1.67 9.63
C ALA B 86 20.80 -0.70 8.52
N ARG B 87 20.69 -1.23 7.32
CA ARG B 87 20.37 -0.55 6.07
C ARG B 87 19.10 -1.12 5.48
N LYS B 88 18.11 -0.27 5.33
CA LYS B 88 16.85 -0.61 4.70
C LYS B 88 16.79 -0.16 3.24
N LEU B 89 16.32 -1.06 2.38
CA LEU B 89 16.28 -0.80 0.96
C LEU B 89 14.81 -0.69 0.51
N ILE B 90 14.42 0.54 0.18
CA ILE B 90 13.11 0.86 -0.38
C ILE B 90 13.28 0.92 -1.89
N HIS B 91 12.55 0.08 -2.62
CA HIS B 91 12.64 0.12 -4.08
C HIS B 91 11.78 1.22 -4.66
N LEU B 92 12.40 2.27 -5.20
CA LEU B 92 11.71 3.32 -5.93
C LEU B 92 12.38 3.48 -7.29
N GLU B 93 11.56 3.76 -8.27
CA GLU B 93 11.97 3.89 -9.68
C GLU B 93 11.37 5.14 -10.28
N ILE B 94 12.02 6.26 -10.01
CA ILE B 94 11.49 7.47 -10.59
C ILE B 94 12.68 8.41 -10.83
N LYS B 95 12.49 9.42 -11.71
CA LYS B 95 13.62 10.23 -12.28
C LYS B 95 14.29 11.07 -11.17
N PRO B 96 15.57 11.52 -11.32
CA PRO B 96 16.28 12.11 -10.14
C PRO B 96 15.64 13.38 -9.55
N ALA B 97 14.89 14.22 -10.29
CA ALA B 97 14.45 15.45 -9.63
C ALA B 97 13.63 15.12 -8.40
N ILE B 98 12.82 14.07 -8.47
CA ILE B 98 12.04 13.72 -7.29
C ILE B 98 12.96 13.08 -6.22
N ARG B 99 13.94 12.23 -6.64
CA ARG B 99 14.87 11.56 -5.71
C ARG B 99 15.75 12.54 -4.96
N ASN B 100 16.14 13.62 -5.60
CA ASN B 100 16.89 14.64 -4.89
C ASN B 100 16.02 15.32 -3.83
N GLN B 101 14.74 15.56 -4.16
CA GLN B 101 13.82 16.10 -3.17
C GLN B 101 13.64 15.15 -1.99
N ILE B 102 13.60 13.83 -2.28
CA ILE B 102 13.50 12.85 -1.21
C ILE B 102 14.68 12.97 -0.23
N ILE B 103 15.90 12.99 -0.76
CA ILE B 103 17.08 13.02 0.10
C ILE B 103 17.24 14.34 0.86
N ARG B 104 16.97 15.50 0.24
CA ARG B 104 17.01 16.73 1.05
C ARG B 104 16.01 16.66 2.20
N GLU B 105 14.78 16.21 1.91
CA GLU B 105 13.79 16.11 2.99
C GLU B 105 14.26 15.08 3.99
N LEU B 106 14.94 14.04 3.52
CA LEU B 106 15.44 13.02 4.42
C LEU B 106 16.62 13.50 5.26
N GLN B 107 17.36 14.53 4.81
CA GLN B 107 18.54 14.96 5.56
C GLN B 107 18.21 15.54 6.95
N VAL B 108 16.96 15.89 7.24
CA VAL B 108 16.62 16.48 8.54
C VAL B 108 16.87 15.51 9.69
N LEU B 109 16.86 14.20 9.42
CA LEU B 109 17.05 13.23 10.48
C LEU B 109 18.43 13.29 11.10
N HIS B 110 19.42 13.84 10.41
CA HIS B 110 20.68 14.07 11.09
C HIS B 110 20.49 14.98 12.29
N GLU B 111 19.53 15.88 12.22
CA GLU B 111 19.31 16.88 13.26
C GLU B 111 18.45 16.36 14.39
N CYS B 112 17.39 15.56 14.13
CA CYS B 112 16.62 15.05 15.25
C CYS B 112 17.50 13.99 15.89
N ASN B 113 17.70 14.11 17.19
CA ASN B 113 18.59 13.21 17.88
C ASN B 113 17.99 13.08 19.27
N SER B 114 17.75 11.86 19.73
CA SER B 114 17.08 11.74 21.00
C SER B 114 17.40 10.37 21.59
N PRO B 115 17.40 10.24 22.93
CA PRO B 115 17.58 8.90 23.50
C PRO B 115 16.41 7.99 23.19
N TYR B 116 15.27 8.50 22.68
CA TYR B 116 14.06 7.73 22.37
C TYR B 116 13.82 7.54 20.88
N ILE B 117 14.80 7.81 20.04
CA ILE B 117 14.66 7.66 18.60
C ILE B 117 15.91 6.95 18.09
N VAL B 118 15.74 5.94 17.23
CA VAL B 118 16.94 5.29 16.66
C VAL B 118 17.82 6.29 15.88
N GLY B 119 19.14 6.05 15.91
CA GLY B 119 20.10 6.99 15.32
C GLY B 119 20.28 6.85 13.81
N PHE B 120 20.35 8.00 13.13
CA PHE B 120 20.43 8.11 11.68
C PHE B 120 21.80 8.55 11.16
N TYR B 121 22.21 7.96 10.03
CA TYR B 121 23.55 8.16 9.48
C TYR B 121 23.58 8.69 8.06
N GLY B 122 22.69 8.25 7.17
CA GLY B 122 22.65 8.88 5.87
C GLY B 122 21.73 8.18 4.89
N ALA B 123 21.35 8.90 3.83
CA ALA B 123 20.49 8.35 2.80
C ALA B 123 21.02 8.76 1.43
N PHE B 124 21.29 7.76 0.61
CA PHE B 124 21.76 7.90 -0.75
C PHE B 124 20.89 7.00 -1.62
N TYR B 125 21.02 7.17 -2.92
CA TYR B 125 20.30 6.35 -3.87
C TYR B 125 21.32 5.52 -4.66
N SER B 126 20.97 4.27 -4.91
CA SER B 126 21.84 3.33 -5.62
C SER B 126 20.91 2.37 -6.35
N ASP B 127 20.98 2.39 -7.69
CA ASP B 127 20.54 1.28 -8.57
C ASP B 127 19.07 0.91 -8.38
N GLY B 128 18.21 1.92 -8.47
CA GLY B 128 16.76 1.81 -8.30
C GLY B 128 16.25 1.54 -6.90
N GLU B 129 17.07 1.73 -5.87
CA GLU B 129 16.69 1.62 -4.46
C GLU B 129 17.35 2.73 -3.67
N ILE B 130 16.57 3.40 -2.83
CA ILE B 130 17.12 4.35 -1.87
C ILE B 130 17.42 3.60 -0.58
N SER B 131 18.58 3.86 -0.02
CA SER B 131 19.04 3.22 1.19
C SER B 131 18.97 4.16 2.37
N ILE B 132 18.36 3.71 3.46
CA ILE B 132 18.49 4.37 4.76
C ILE B 132 19.21 3.40 5.69
N CYS B 133 20.39 3.80 6.17
CA CYS B 133 21.19 3.05 7.14
C CYS B 133 21.17 3.80 8.47
N MET B 134 20.94 3.05 9.55
CA MET B 134 20.61 3.61 10.84
C MET B 134 21.30 2.75 11.88
N GLU B 135 21.24 3.22 13.13
CA GLU B 135 21.71 2.42 14.25
C GLU B 135 21.10 1.02 14.26
N HIS B 136 21.95 0.01 14.45
CA HIS B 136 21.48 -1.36 14.56
C HIS B 136 21.13 -1.69 16.00
N MET B 137 19.96 -2.30 16.20
CA MET B 137 19.47 -2.67 17.52
C MET B 137 19.42 -4.20 17.61
N ASP B 138 20.29 -4.79 18.42
CA ASP B 138 20.51 -6.24 18.43
C ASP B 138 19.34 -7.04 18.99
N GLY B 139 18.30 -6.40 19.53
CA GLY B 139 17.14 -7.13 20.05
C GLY B 139 15.95 -7.29 19.11
N GLY B 140 15.87 -6.48 18.05
CA GLY B 140 14.79 -6.56 17.09
C GLY B 140 13.55 -5.77 17.48
N SER B 141 12.45 -6.07 16.79
CA SER B 141 11.18 -5.41 17.07
C SER B 141 10.40 -6.13 18.17
N LEU B 142 9.53 -5.38 18.84
CA LEU B 142 8.75 -6.02 19.89
C LEU B 142 7.74 -6.99 19.30
N ASP B 143 7.45 -6.82 18.01
CA ASP B 143 6.73 -7.83 17.24
C ASP B 143 7.50 -9.13 17.37
N GLN B 144 8.81 -9.03 17.10
CA GLN B 144 9.70 -10.16 17.01
C GLN B 144 10.04 -10.68 18.40
N VAL B 145 10.14 -9.78 19.38
CA VAL B 145 10.31 -10.16 20.77
C VAL B 145 9.07 -10.87 21.31
N LEU B 146 7.87 -10.38 20.92
CA LEU B 146 6.67 -11.03 21.39
C LEU B 146 6.54 -12.45 20.85
N LYS B 147 7.02 -12.71 19.64
CA LYS B 147 6.99 -14.10 19.14
C LYS B 147 7.79 -15.06 20.01
N LYS B 148 8.91 -14.60 20.51
CA LYS B 148 9.71 -15.51 21.27
C LYS B 148 9.22 -15.59 22.69
N ALA B 149 8.95 -14.46 23.32
CA ALA B 149 8.24 -14.54 24.58
C ALA B 149 6.81 -15.01 24.33
N GLY B 150 6.12 -15.32 25.41
CA GLY B 150 4.74 -15.76 25.27
C GLY B 150 3.84 -14.56 25.16
N ARG B 151 3.95 -13.79 26.23
CA ARG B 151 3.33 -12.48 26.39
C ARG B 151 4.32 -11.59 27.14
N ILE B 152 4.19 -10.28 27.03
CA ILE B 152 5.12 -9.36 27.67
C ILE B 152 4.52 -8.88 28.98
N PRO B 153 5.21 -8.99 30.10
CA PRO B 153 4.60 -8.68 31.39
C PRO B 153 4.39 -7.18 31.57
N GLU B 154 3.50 -6.86 32.52
CA GLU B 154 2.91 -5.52 32.56
C GLU B 154 3.97 -4.47 32.87
N GLN B 155 4.94 -4.81 33.71
CA GLN B 155 5.90 -3.80 34.17
C GLN B 155 6.86 -3.41 33.06
N ILE B 156 7.29 -4.36 32.25
CA ILE B 156 8.09 -4.03 31.07
C ILE B 156 7.28 -3.18 30.09
N LEU B 157 6.01 -3.54 29.89
CA LEU B 157 5.12 -2.74 29.04
C LEU B 157 4.92 -1.34 29.58
N GLY B 158 4.96 -1.15 30.89
CA GLY B 158 4.95 0.20 31.42
C GLY B 158 6.15 0.99 30.95
N LYS B 159 7.33 0.40 31.06
CA LYS B 159 8.59 1.07 30.65
C LYS B 159 8.54 1.44 29.19
N VAL B 160 8.11 0.51 28.32
CA VAL B 160 8.06 0.80 26.89
C VAL B 160 7.07 1.93 26.63
N SER B 161 5.98 1.99 27.40
CA SER B 161 5.07 3.11 27.25
C SER B 161 5.76 4.43 27.51
N ILE B 162 6.59 4.56 28.56
CA ILE B 162 7.28 5.84 28.73
C ILE B 162 8.16 6.15 27.52
N ALA B 163 8.89 5.16 27.01
CA ALA B 163 9.77 5.42 25.87
C ALA B 163 9.01 5.95 24.67
N VAL B 164 7.94 5.25 24.27
CA VAL B 164 7.17 5.65 23.08
C VAL B 164 6.51 7.00 23.28
N ILE B 165 5.92 7.23 24.46
CA ILE B 165 5.22 8.49 24.68
C ILE B 165 6.22 9.62 24.63
N LYS B 166 7.43 9.39 25.17
CA LYS B 166 8.44 10.44 25.19
C LYS B 166 8.98 10.72 23.78
N GLY B 167 9.14 9.68 22.96
CA GLY B 167 9.56 9.88 21.58
C GLY B 167 8.63 10.74 20.74
N LEU B 168 7.33 10.43 20.72
CA LEU B 168 6.42 11.27 19.95
C LEU B 168 6.38 12.70 20.44
N THR B 169 6.41 12.90 21.76
CA THR B 169 6.41 14.24 22.32
C THR B 169 7.63 15.03 21.85
N TYR B 170 8.80 14.39 21.82
CA TYR B 170 10.00 15.04 21.30
C TYR B 170 9.76 15.52 19.87
N LEU B 171 9.30 14.59 19.03
CA LEU B 171 9.08 14.80 17.60
C LEU B 171 8.09 15.91 17.39
N ARG B 172 6.96 15.84 18.10
CA ARG B 172 5.92 16.84 17.90
C ARG B 172 6.43 18.23 18.30
N GLU B 173 7.12 18.31 19.45
CA GLU B 173 7.50 19.59 20.03
C GLU B 173 8.76 20.14 19.36
N LYS B 174 9.73 19.29 19.01
CA LYS B 174 10.99 19.77 18.42
C LYS B 174 11.09 19.67 16.90
N HIS B 175 10.21 18.91 16.22
CA HIS B 175 10.29 18.85 14.77
C HIS B 175 8.93 19.01 14.10
N LYS B 176 7.87 19.15 14.87
CA LYS B 176 6.52 19.44 14.38
C LYS B 176 6.16 18.32 13.39
N ILE B 177 6.56 17.08 13.72
CA ILE B 177 6.26 15.90 12.89
C ILE B 177 5.48 14.90 13.72
N MET B 178 4.53 14.22 13.08
CA MET B 178 3.92 13.03 13.67
C MET B 178 4.49 11.75 13.04
N HIS B 179 4.49 10.67 13.83
CA HIS B 179 5.09 9.39 13.40
C HIS B 179 4.36 8.80 12.20
N ARG B 180 3.03 8.71 12.30
CA ARG B 180 2.00 8.27 11.35
C ARG B 180 1.83 6.75 11.22
N ASP B 181 2.70 5.93 11.85
CA ASP B 181 2.62 4.47 11.82
C ASP B 181 3.33 3.82 13.02
N VAL B 182 2.97 4.12 14.26
CA VAL B 182 3.64 3.42 15.35
C VAL B 182 2.93 2.08 15.57
N LYS B 183 3.69 1.02 15.67
CA LYS B 183 3.23 -0.35 15.89
C LYS B 183 4.43 -1.20 16.26
N PRO B 184 4.26 -2.43 16.76
CA PRO B 184 5.42 -3.19 17.26
C PRO B 184 6.59 -3.39 16.30
N SER B 185 6.36 -3.64 15.00
CA SER B 185 7.51 -3.94 14.13
C SER B 185 8.50 -2.79 14.02
N ASN B 186 8.08 -1.57 14.28
CA ASN B 186 8.98 -0.44 14.19
C ASN B 186 9.41 0.19 15.50
N ILE B 187 9.30 -0.54 16.61
CA ILE B 187 9.85 -0.09 17.90
C ILE B 187 10.94 -1.09 18.30
N LEU B 188 12.16 -0.59 18.49
CA LEU B 188 13.32 -1.45 18.64
C LEU B 188 13.95 -1.30 20.02
N VAL B 189 14.52 -2.43 20.45
CA VAL B 189 15.01 -2.72 21.79
C VAL B 189 16.40 -3.34 21.64
N ASN B 190 17.22 -3.15 22.67
CA ASN B 190 18.61 -3.58 22.65
C ASN B 190 19.03 -4.17 24.00
N SER B 191 20.16 -4.89 23.97
CA SER B 191 20.70 -5.55 25.15
C SER B 191 21.29 -4.56 26.15
N ARG B 192 21.55 -3.32 25.71
CA ARG B 192 21.94 -2.23 26.59
C ARG B 192 20.75 -1.58 27.29
N GLY B 193 19.53 -1.79 26.78
CA GLY B 193 18.31 -1.44 27.49
C GLY B 193 17.54 -0.19 27.09
N GLU B 194 17.82 0.39 25.92
CA GLU B 194 17.04 1.50 25.39
C GLU B 194 15.86 0.95 24.57
N ILE B 195 14.74 1.67 24.55
CA ILE B 195 13.59 1.34 23.69
C ILE B 195 13.30 2.55 22.88
N LYS B 196 13.41 2.43 21.55
CA LYS B 196 13.25 3.63 20.73
C LYS B 196 12.39 3.31 19.50
N LEU B 197 11.78 4.38 18.96
CA LEU B 197 10.94 4.43 17.76
C LEU B 197 11.70 4.52 16.45
N CYS B 198 11.02 4.15 15.37
CA CYS B 198 11.61 3.92 14.06
C CYS B 198 10.57 4.04 12.94
N ASP B 199 11.08 4.30 11.73
CA ASP B 199 10.30 4.25 10.49
C ASP B 199 9.18 5.31 10.46
N PHE B 200 9.46 6.50 10.97
CA PHE B 200 8.42 7.53 10.99
C PHE B 200 8.51 8.43 9.76
N GLY B 201 7.44 9.19 9.55
CA GLY B 201 7.19 9.92 8.33
C GLY B 201 7.91 11.24 8.25
N VAL B 202 9.19 11.23 7.84
CA VAL B 202 9.98 12.46 7.83
C VAL B 202 9.89 13.23 6.52
N SER B 203 9.64 12.54 5.41
CA SER B 203 9.74 13.08 4.07
C SER B 203 8.35 12.86 3.50
N GLY B 204 7.57 13.92 3.34
CA GLY B 204 6.25 13.73 2.77
C GLY B 204 6.31 13.10 1.38
N GLN B 205 7.31 13.49 0.59
CA GLN B 205 7.46 13.02 -0.78
C GLN B 205 7.90 11.56 -0.88
N LEU B 206 8.71 11.03 0.05
CA LEU B 206 9.06 9.61 -0.12
C LEU B 206 7.84 8.72 0.00
N ILE B 207 6.94 9.04 0.90
CA ILE B 207 5.68 8.31 0.98
C ILE B 207 4.92 8.46 -0.34
N ASP B 208 4.94 9.68 -0.91
CA ASP B 208 4.29 9.93 -2.20
C ASP B 208 4.86 9.00 -3.26
N SER B 209 6.18 8.80 -3.24
CA SER B 209 6.88 8.15 -4.34
C SER B 209 6.63 6.65 -4.33
N MET B 210 6.12 6.14 -3.22
CA MET B 210 5.90 4.70 -3.11
C MET B 210 4.72 4.24 -3.97
N ALA B 211 5.01 3.22 -4.79
CA ALA B 211 4.14 2.77 -5.88
C ALA B 211 2.98 1.93 -5.33
N ASN B 212 3.24 1.16 -4.28
CA ASN B 212 2.32 0.14 -3.80
C ASN B 212 2.51 -0.17 -2.32
N SER B 213 1.40 -0.37 -1.61
CA SER B 213 1.46 -0.64 -0.18
C SER B 213 0.99 -2.07 0.08
N PHE B 214 1.32 -2.57 1.24
CA PHE B 214 0.93 -3.91 1.66
C PHE B 214 -0.06 -3.82 2.80
N VAL B 215 -1.20 -4.49 2.66
CA VAL B 215 -2.19 -4.54 3.73
C VAL B 215 -2.48 -5.98 4.15
N GLY B 216 -2.28 -6.28 5.43
CA GLY B 216 -2.50 -7.64 5.84
C GLY B 216 -3.73 -7.58 6.72
N THR B 217 -3.84 -8.46 7.71
CA THR B 217 -4.99 -8.50 8.62
C THR B 217 -4.75 -7.88 9.98
N ARG B 218 -3.55 -7.38 10.27
CA ARG B 218 -3.37 -6.68 11.53
C ARG B 218 -3.16 -5.23 11.08
N SER B 219 -4.15 -4.40 11.39
CA SER B 219 -4.14 -2.96 11.20
C SER B 219 -3.98 -2.22 12.51
N TYR B 220 -3.15 -1.19 12.51
CA TYR B 220 -3.02 -0.28 13.63
C TYR B 220 -3.46 1.14 13.30
N MET B 221 -4.22 1.31 12.21
CA MET B 221 -4.68 2.64 11.82
C MET B 221 -5.87 3.07 12.67
N SER B 222 -5.83 4.33 13.10
CA SER B 222 -6.85 4.89 13.95
C SER B 222 -8.19 4.98 13.24
N PRO B 223 -9.30 4.96 13.99
CA PRO B 223 -10.62 5.13 13.36
C PRO B 223 -10.74 6.41 12.56
N GLU B 224 -10.17 7.51 13.02
CA GLU B 224 -10.35 8.75 12.27
C GLU B 224 -9.55 8.76 10.97
N ARG B 225 -8.37 8.12 10.94
CA ARG B 225 -7.62 8.00 9.70
C ARG B 225 -8.34 7.09 8.70
N LEU B 226 -8.90 5.99 9.18
CA LEU B 226 -9.67 5.13 8.29
C LEU B 226 -10.82 5.90 7.64
N GLN B 227 -11.38 6.89 8.32
CA GLN B 227 -12.53 7.59 7.74
C GLN B 227 -12.10 8.81 6.93
N GLY B 228 -10.80 9.09 6.90
CA GLY B 228 -10.25 10.15 6.08
C GLY B 228 -10.50 11.56 6.55
N THR B 229 -10.69 11.75 7.84
CA THR B 229 -10.85 13.05 8.46
C THR B 229 -9.52 13.54 9.01
N HIS B 230 -9.51 14.81 9.41
CA HIS B 230 -8.31 15.45 9.93
C HIS B 230 -7.80 14.69 11.14
N TYR B 231 -6.47 14.58 11.24
CA TYR B 231 -5.86 13.79 12.32
C TYR B 231 -4.59 14.48 12.82
N SER B 232 -4.13 14.04 13.98
CA SER B 232 -2.98 14.64 14.64
C SER B 232 -2.15 13.52 15.27
N VAL B 233 -1.35 13.86 16.29
CA VAL B 233 -0.57 12.83 16.95
C VAL B 233 -1.44 11.91 17.77
N GLN B 234 -2.71 12.31 17.97
CA GLN B 234 -3.71 11.43 18.55
C GLN B 234 -3.82 10.09 17.84
N SER B 235 -3.64 10.09 16.52
CA SER B 235 -3.69 8.83 15.77
C SER B 235 -2.57 7.90 16.21
N ASP B 236 -1.38 8.45 16.43
CA ASP B 236 -0.28 7.67 16.97
C ASP B 236 -0.62 7.14 18.36
N ILE B 237 -1.32 7.94 19.17
CA ILE B 237 -1.70 7.47 20.50
C ILE B 237 -2.63 6.24 20.42
N TRP B 238 -3.62 6.27 19.51
CA TRP B 238 -4.44 5.08 19.27
C TRP B 238 -3.59 3.88 18.86
N SER B 239 -2.68 4.10 17.92
CA SER B 239 -1.86 2.99 17.48
C SER B 239 -1.06 2.45 18.65
N MET B 240 -0.63 3.34 19.56
CA MET B 240 0.16 2.86 20.69
C MET B 240 -0.69 2.02 21.64
N GLY B 241 -1.89 2.50 21.99
CA GLY B 241 -2.79 1.68 22.81
C GLY B 241 -3.02 0.29 22.26
N LEU B 242 -3.36 0.19 20.96
CA LEU B 242 -3.65 -1.11 20.36
C LEU B 242 -2.42 -2.02 20.38
N SER B 243 -1.24 -1.46 20.15
CA SER B 243 -0.03 -2.29 20.20
C SER B 243 0.18 -2.84 21.59
N LEU B 244 -0.08 -2.02 22.60
CA LEU B 244 0.13 -2.42 23.98
C LEU B 244 -0.78 -3.58 24.36
N VAL B 245 -2.05 -3.55 23.95
CA VAL B 245 -2.94 -4.65 24.29
C VAL B 245 -2.51 -5.94 23.59
N GLU B 246 -2.06 -5.84 22.33
CA GLU B 246 -1.60 -7.06 21.66
C GLU B 246 -0.43 -7.70 22.39
N MET B 247 0.55 -6.88 22.78
CA MET B 247 1.71 -7.42 23.48
C MET B 247 1.35 -7.97 24.86
N ALA B 248 0.38 -7.36 25.55
CA ALA B 248 0.01 -7.86 26.87
C ALA B 248 -0.72 -9.20 26.80
N VAL B 249 -1.56 -9.38 25.78
CA VAL B 249 -2.36 -10.60 25.67
C VAL B 249 -1.73 -11.69 24.80
N GLY B 250 -0.78 -11.33 23.93
CA GLY B 250 -0.12 -12.28 23.05
C GLY B 250 -0.86 -12.56 21.76
N ARG B 251 -1.88 -11.76 21.43
CA ARG B 251 -2.70 -11.94 20.25
C ARG B 251 -3.16 -10.55 19.79
N TYR B 252 -3.20 -10.34 18.48
CA TYR B 252 -3.82 -9.13 17.96
C TYR B 252 -5.30 -9.15 18.33
N PRO B 253 -5.84 -8.10 18.95
CA PRO B 253 -7.09 -8.23 19.72
C PRO B 253 -8.38 -7.99 18.95
N ILE B 254 -8.35 -7.86 17.63
CA ILE B 254 -9.55 -7.66 16.83
C ILE B 254 -9.60 -8.72 15.74
N PRO B 255 -10.68 -9.52 15.65
CA PRO B 255 -11.81 -9.43 16.57
C PRO B 255 -11.48 -9.99 17.96
N PRO B 256 -12.14 -9.48 19.01
CA PRO B 256 -11.85 -9.93 20.37
C PRO B 256 -12.07 -11.42 20.49
N PRO B 257 -11.24 -12.12 21.25
CA PRO B 257 -11.46 -13.57 21.41
C PRO B 257 -12.67 -13.86 22.29
N ASP B 258 -13.22 -15.05 22.06
CA ASP B 258 -14.31 -15.56 22.87
C ASP B 258 -13.77 -16.11 24.18
N ALA B 259 -14.70 -16.58 25.02
CA ALA B 259 -14.30 -17.10 26.32
C ALA B 259 -13.32 -18.27 26.19
N LYS B 260 -13.42 -19.06 25.14
CA LYS B 260 -12.56 -20.24 25.03
C LYS B 260 -11.06 -19.88 24.92
N GLU B 261 -10.69 -18.91 24.08
CA GLU B 261 -9.24 -18.67 23.92
C GLU B 261 -8.59 -17.82 25.03
N LEU B 262 -9.29 -16.85 25.66
CA LEU B 262 -8.67 -16.22 26.83
C LEU B 262 -8.48 -17.22 27.97
N GLU B 263 -9.40 -18.19 28.08
CA GLU B 263 -9.21 -19.29 29.03
C GLU B 263 -7.89 -20.01 28.76
N LEU B 264 -7.67 -20.47 27.53
CA LEU B 264 -6.45 -21.20 27.24
C LEU B 264 -5.21 -20.31 27.28
N MET B 265 -5.36 -19.01 27.05
CA MET B 265 -4.23 -18.10 27.11
C MET B 265 -3.69 -18.03 28.54
N PHE B 266 -4.60 -18.04 29.52
CA PHE B 266 -4.25 -17.88 30.92
C PHE B 266 -4.65 -19.13 31.71
N PRO B 298 -9.76 -16.42 9.24
CA PRO B 298 -10.70 -16.41 8.11
C PRO B 298 -11.54 -15.13 8.03
N MET B 299 -10.91 -13.95 7.94
CA MET B 299 -11.62 -12.67 7.95
C MET B 299 -11.13 -11.78 6.80
N ALA B 300 -12.06 -11.11 6.11
CA ALA B 300 -11.73 -10.18 5.03
C ALA B 300 -11.32 -8.81 5.54
N ILE B 301 -10.34 -8.20 4.85
CA ILE B 301 -9.79 -6.89 5.26
C ILE B 301 -10.89 -5.88 5.59
N PHE B 302 -11.90 -5.76 4.73
CA PHE B 302 -12.87 -4.70 4.98
C PHE B 302 -13.63 -4.90 6.28
N GLU B 303 -13.97 -6.15 6.63
CA GLU B 303 -14.79 -6.29 7.82
C GLU B 303 -14.00 -6.22 9.11
N LEU B 304 -12.69 -6.52 9.07
CA LEU B 304 -11.81 -6.17 10.17
C LEU B 304 -11.75 -4.67 10.39
N LEU B 305 -11.52 -3.92 9.31
CA LEU B 305 -11.45 -2.45 9.44
C LEU B 305 -12.78 -1.89 9.95
N ASP B 306 -13.90 -2.40 9.46
CA ASP B 306 -15.20 -1.91 9.89
C ASP B 306 -15.42 -2.25 11.35
N TYR B 307 -14.88 -3.37 11.80
CA TYR B 307 -14.91 -3.65 13.22
C TYR B 307 -14.21 -2.51 13.98
N ILE B 308 -12.99 -2.15 13.58
CA ILE B 308 -12.32 -1.04 14.23
C ILE B 308 -13.17 0.23 14.25
N VAL B 309 -13.86 0.54 13.16
CA VAL B 309 -14.62 1.79 13.15
C VAL B 309 -15.91 1.68 13.96
N ASN B 310 -16.63 0.55 13.88
CA ASN B 310 -17.97 0.58 14.44
C ASN B 310 -18.17 -0.28 15.69
N GLU B 311 -17.29 -1.21 15.98
CA GLU B 311 -17.53 -1.92 17.22
C GLU B 311 -16.74 -1.26 18.36
N PRO B 312 -17.09 -1.52 19.62
CA PRO B 312 -16.34 -0.89 20.72
C PRO B 312 -14.92 -1.39 20.79
N PRO B 313 -14.00 -0.55 21.25
CA PRO B 313 -12.57 -0.84 21.14
C PRO B 313 -12.18 -2.01 22.02
N PRO B 314 -11.03 -2.62 21.76
CA PRO B 314 -10.56 -3.72 22.61
C PRO B 314 -10.26 -3.25 24.02
N LYS B 315 -10.11 -4.22 24.92
CA LYS B 315 -9.83 -3.95 26.32
C LYS B 315 -9.04 -5.09 26.91
N LEU B 316 -8.24 -4.78 27.92
CA LEU B 316 -7.46 -5.80 28.59
C LEU B 316 -8.42 -6.64 29.43
N PRO B 317 -8.08 -7.89 29.67
CA PRO B 317 -8.89 -8.69 30.59
C PRO B 317 -8.78 -8.13 32.00
N SER B 318 -9.90 -8.10 32.71
CA SER B 318 -9.99 -7.33 33.94
C SER B 318 -9.27 -8.01 35.11
N ALA B 319 -8.95 -9.29 34.96
CA ALA B 319 -8.42 -10.08 36.07
C ALA B 319 -6.92 -9.87 36.24
N VAL B 320 -6.17 -9.86 35.13
CA VAL B 320 -4.73 -10.11 35.16
C VAL B 320 -3.89 -8.84 35.06
N PHE B 321 -4.51 -7.67 35.02
CA PHE B 321 -3.75 -6.43 34.88
C PHE B 321 -4.25 -5.38 35.85
N SER B 322 -3.33 -4.53 36.32
CA SER B 322 -3.72 -3.54 37.31
C SER B 322 -4.70 -2.55 36.69
N LEU B 323 -5.47 -1.87 37.54
CA LEU B 323 -6.44 -0.89 37.04
C LEU B 323 -5.75 0.26 36.35
N GLU B 324 -4.62 0.70 36.88
CA GLU B 324 -3.90 1.79 36.26
C GLU B 324 -3.59 1.44 34.80
N PHE B 325 -3.14 0.21 34.55
CA PHE B 325 -2.79 -0.19 33.18
C PHE B 325 -4.02 -0.24 32.26
N GLN B 326 -5.07 -0.92 32.73
CA GLN B 326 -6.34 -0.96 32.01
C GLN B 326 -6.86 0.41 31.62
N ASP B 327 -6.83 1.31 32.57
CA ASP B 327 -7.34 2.65 32.32
C ASP B 327 -6.42 3.36 31.36
N PHE B 328 -5.12 3.07 31.45
CA PHE B 328 -4.16 3.66 30.53
C PHE B 328 -4.50 3.30 29.09
N VAL B 329 -4.71 2.00 28.78
CA VAL B 329 -5.07 1.61 27.43
C VAL B 329 -6.44 2.15 27.05
N ASN B 330 -7.41 2.07 27.97
CA ASN B 330 -8.75 2.54 27.66
C ASN B 330 -8.72 4.01 27.25
N LYS B 331 -7.82 4.79 27.85
CA LYS B 331 -7.70 6.20 27.49
C LYS B 331 -7.03 6.34 26.12
N CYS B 332 -6.14 5.41 25.78
CA CYS B 332 -5.54 5.41 24.44
C CYS B 332 -6.52 4.99 23.35
N LEU B 333 -7.47 4.12 23.68
CA LEU B 333 -8.28 3.47 22.66
C LEU B 333 -9.66 4.12 22.54
N ILE B 334 -9.81 5.35 23.03
CA ILE B 334 -11.06 6.07 22.82
C ILE B 334 -11.20 6.42 21.35
N LYS B 335 -12.39 6.19 20.79
CA LYS B 335 -12.52 6.34 19.35
C LYS B 335 -12.47 7.80 18.95
N ASN B 336 -13.19 8.67 19.64
CA ASN B 336 -13.16 10.11 19.35
C ASN B 336 -11.79 10.68 19.70
N PRO B 337 -10.98 11.10 18.72
CA PRO B 337 -9.61 11.53 19.04
C PRO B 337 -9.53 12.77 19.93
N ALA B 338 -10.58 13.58 19.99
CA ALA B 338 -10.55 14.74 20.87
C ALA B 338 -10.62 14.33 22.34
N GLU B 339 -11.35 13.25 22.64
CA GLU B 339 -11.46 12.73 24.00
C GLU B 339 -10.33 11.77 24.34
N ARG B 340 -9.69 11.19 23.34
CA ARG B 340 -8.51 10.38 23.60
C ARG B 340 -7.49 11.22 24.34
N ALA B 341 -6.75 10.58 25.25
CA ALA B 341 -5.72 11.32 25.96
C ALA B 341 -4.68 11.78 24.95
N ASP B 342 -4.17 12.99 25.15
CA ASP B 342 -3.08 13.52 24.35
C ASP B 342 -1.77 13.19 25.07
N LEU B 343 -0.67 13.63 24.48
CA LEU B 343 0.65 13.17 24.89
C LEU B 343 0.99 13.52 26.34
N LYS B 344 0.65 14.73 26.81
CA LYS B 344 1.09 15.15 28.15
C LYS B 344 0.31 14.49 29.26
N GLN B 345 -0.97 14.34 29.03
CA GLN B 345 -1.87 13.58 29.89
C GLN B 345 -1.38 12.22 30.27
N LEU B 346 -0.90 11.49 29.30
CA LEU B 346 -0.36 10.19 29.58
C LEU B 346 0.90 10.28 30.37
N MET B 347 1.71 11.32 30.18
CA MET B 347 2.88 11.53 31.02
C MET B 347 2.48 11.76 32.47
N VAL B 348 1.25 12.21 32.71
CA VAL B 348 0.80 12.43 34.09
C VAL B 348 -0.17 11.35 34.53
N HIS B 349 -0.40 10.33 33.69
CA HIS B 349 -1.30 9.27 34.10
C HIS B 349 -0.71 8.49 35.27
N ALA B 350 -1.60 7.97 36.13
CA ALA B 350 -1.17 7.18 37.28
C ALA B 350 -0.24 6.03 36.87
N PHE B 351 -0.59 5.34 35.76
CA PHE B 351 0.13 4.13 35.37
C PHE B 351 1.61 4.39 35.09
N ILE B 352 1.93 5.50 34.44
CA ILE B 352 3.34 5.73 34.12
C ILE B 352 4.07 6.47 35.22
N LYS B 353 3.35 7.18 36.11
CA LYS B 353 3.96 7.67 37.35
C LYS B 353 4.41 6.51 38.20
N ARG B 354 3.56 5.50 38.34
CA ARG B 354 3.97 4.30 39.06
C ARG B 354 5.15 3.63 38.36
N SER B 355 5.05 3.44 37.05
CA SER B 355 6.08 2.71 36.30
C SER B 355 7.39 3.48 36.20
N ASP B 356 7.35 4.81 36.16
CA ASP B 356 8.56 5.60 36.01
C ASP B 356 9.55 5.30 37.14
N ALA B 357 9.05 5.26 38.37
CA ALA B 357 9.86 5.06 39.57
C ALA B 357 9.83 3.57 39.94
N GLU B 358 10.35 2.74 39.04
CA GLU B 358 10.37 1.30 39.26
C GLU B 358 11.70 0.73 38.82
N GLU B 359 12.07 -0.41 39.42
CA GLU B 359 13.31 -1.05 39.06
C GLU B 359 13.06 -2.39 38.33
N VAL B 360 13.15 -2.37 37.01
CA VAL B 360 13.14 -3.57 36.17
C VAL B 360 14.45 -3.60 35.39
N ASP B 361 15.14 -4.75 35.35
CA ASP B 361 16.33 -4.89 34.52
C ASP B 361 15.82 -5.31 33.16
N PHE B 362 15.47 -4.29 32.38
CA PHE B 362 14.88 -4.57 31.08
C PHE B 362 15.87 -5.35 30.22
N ALA B 363 17.14 -4.92 30.22
CA ALA B 363 18.19 -5.64 29.50
C ALA B 363 18.24 -7.11 29.94
N GLY B 364 18.06 -7.35 31.25
CA GLY B 364 18.14 -8.72 31.74
C GLY B 364 17.01 -9.58 31.25
N TRP B 365 15.76 -9.09 31.39
CA TRP B 365 14.61 -9.81 30.87
C TRP B 365 14.78 -10.11 29.38
N LEU B 366 15.19 -9.10 28.60
CA LEU B 366 15.41 -9.26 27.17
C LEU B 366 16.34 -10.45 26.86
N CYS B 367 17.61 -10.33 27.23
CA CYS B 367 18.62 -11.33 26.87
C CYS B 367 18.21 -12.73 27.30
N SER B 368 17.65 -12.87 28.50
CA SER B 368 17.24 -14.21 28.94
C SER B 368 16.17 -14.79 28.02
N THR B 369 15.19 -13.99 27.59
CA THR B 369 14.11 -14.54 26.78
C THR B 369 14.56 -14.82 25.34
N ILE B 370 15.36 -13.89 24.77
CA ILE B 370 15.85 -14.00 23.38
C ILE B 370 17.15 -14.80 23.23
N GLY B 371 17.84 -15.14 24.33
CA GLY B 371 19.11 -15.84 24.27
C GLY B 371 20.43 -15.21 23.81
N LEU B 372 20.93 -14.21 24.54
CA LEU B 372 22.11 -13.43 24.13
C LEU B 372 22.94 -13.11 25.39
PG ANP C . 0.04 -2.33 -14.67
O1G ANP C . 1.30 -3.04 -14.26
O2G ANP C . -0.90 -3.34 -15.47
O3G ANP C . -0.75 -1.83 -13.38
PB ANP C . 0.59 -1.17 -17.21
O1B ANP C . 1.29 0.01 -17.80
O2B ANP C . -0.78 -1.22 -17.94
N3B ANP C . 0.39 -0.93 -15.57
PA ANP C . 1.51 -3.27 -18.91
O1A ANP C . 2.30 -4.51 -18.71
O2A ANP C . 0.11 -3.47 -19.50
O3A ANP C . 1.39 -2.50 -17.49
O5' ANP C . 2.32 -2.33 -19.90
C5' ANP C . 3.77 -2.31 -19.95
C4' ANP C . 4.21 -1.17 -20.83
O4' ANP C . 3.90 -1.46 -22.20
C3' ANP C . 3.55 0.18 -20.53
O3' ANP C . 4.47 1.26 -20.72
C2' ANP C . 2.39 0.21 -21.54
O2' ANP C . 2.02 1.55 -21.83
C1' ANP C . 3.03 -0.49 -22.74
N9 ANP C . 2.07 -1.15 -23.64
C8 ANP C . 1.22 -2.17 -23.34
N7 ANP C . 0.45 -2.55 -24.35
C5 ANP C . 0.84 -1.71 -25.35
C6 ANP C . 0.40 -1.57 -26.71
N6 ANP C . -0.55 -2.34 -27.25
N1 ANP C . 0.99 -0.63 -27.47
C2 ANP C . 1.93 0.14 -26.93
N3 ANP C . 2.43 0.11 -25.68
C4 ANP C . 1.83 -0.82 -24.98
MG MG D . -1.77 -2.77 -18.93
C25 VKD E . 5.02 0.78 5.82
C26 VKD E . 3.76 0.77 6.58
C27 VKD E . 2.82 1.87 6.20
N29 VKD E . 4.71 3.25 5.40
C30 VKD E . 6.89 3.87 7.02
C10 VKD E . 11.09 5.78 6.60
C12 VKD E . 12.88 5.40 8.41
C13 VKD E . 12.61 6.63 9.00
C14 VKD E . 13.32 7.08 10.08
C15 VKD E . 14.33 6.29 10.62
C17 VKD E . 14.61 5.04 10.05
C18 VKD E . 13.90 4.60 8.95
C02 VKD E . 9.58 3.73 6.64
C03 VKD E . 9.87 5.19 6.30
C04 VKD E . 8.87 5.96 5.68
C05 VKD E . 9.09 7.29 5.36
C06 VKD E . 10.30 7.87 5.66
C08 VKD E . 11.31 7.12 6.26
C21 VKD E . 7.65 1.93 7.30
C22 VKD E . 6.31 2.54 7.08
C24 VKD E . 5.67 2.17 5.76
C28 VKD E . 3.47 3.25 6.21
F07 VKD E . 10.50 9.19 5.33
F09 VKD E . 12.49 7.74 6.53
F19 VKD E . 14.17 3.38 8.39
I16 VKD E . 15.37 7.06 12.30
N11 VKD E . 12.12 4.96 7.25
N20 VKD E . 8.24 3.24 6.94
O01 VKD E . 10.46 2.93 6.68
O23 VKD E . 5.51 2.41 8.21
PG ANP F . 6.76 -1.78 8.18
O1G ANP F . 5.39 -1.32 7.82
O2G ANP F . 7.77 -1.02 7.24
O3G ANP F . 7.06 -1.32 9.63
PB ANP F . 8.28 -4.03 8.76
O1B ANP F . 8.54 -3.38 10.06
O2B ANP F . 8.26 -5.58 8.95
N3B ANP F . 6.82 -3.47 8.17
PA ANP F . 10.92 -3.39 8.12
O1A ANP F . 11.12 -2.07 8.76
O2A ANP F . 11.71 -3.58 6.82
O3A ANP F . 9.40 -3.65 7.72
O5' ANP F . 11.26 -4.50 9.18
C5' ANP F . 11.41 -5.87 8.76
C4' ANP F . 12.12 -6.63 9.86
O4' ANP F . 13.36 -5.97 10.16
C3' ANP F . 11.35 -6.73 11.17
O3' ANP F . 11.51 -8.02 11.74
C2' ANP F . 11.98 -5.62 12.02
O2' ANP F . 11.98 -5.93 13.40
C1' ANP F . 13.42 -5.69 11.54
N9 ANP F . 14.18 -4.47 11.75
C8 ANP F . 13.96 -3.23 11.19
N7 ANP F . 14.82 -2.31 11.55
C5 ANP F . 15.70 -2.99 12.40
C6 ANP F . 16.83 -2.58 13.10
N6 ANP F . 17.32 -1.33 13.08
N1 ANP F . 17.47 -3.51 13.87
C2 ANP F . 16.97 -4.75 13.90
N3 ANP F . 15.92 -5.25 13.27
C4 ANP F . 15.30 -4.31 12.52
MG MG G . 9.22 -1.34 9.09
#